data_7PVX
#
_entry.id   7PVX
#
_cell.length_a   28.991
_cell.length_b   59.658
_cell.length_c   37.349
_cell.angle_alpha   90.000
_cell.angle_beta   98.620
_cell.angle_gamma   90.000
#
_symmetry.space_group_name_H-M   'P 1 21 1'
#
loop_
_entity.id
_entity.type
_entity.pdbx_description
1 polymer 'Isoform 1 of Proto-oncogene tyrosine-protein kinase Src'
2 polymer 'VSL12 peptide'
3 water water
#
loop_
_entity_poly.entity_id
_entity_poly.type
_entity_poly.pdbx_seq_one_letter_code
_entity_poly.pdbx_strand_id
1 'polypeptide(L)' GVTTFVALYDYVASGETDLSFKKGERLQIVGYNHGDWWLAHSLTTGQTGYIPSNYVAPSD A,C
2 'polypeptide(L)' VSLARRPLPPLP B,D
#
# COMPACT_ATOMS: atom_id res chain seq x y z
N GLY A 1 9.95 -3.41 -2.23
CA GLY A 1 11.14 -3.52 -1.41
C GLY A 1 11.30 -2.24 -0.58
N VAL A 2 10.25 -1.40 -0.59
CA VAL A 2 10.24 -0.18 0.19
C VAL A 2 10.04 -0.56 1.66
N THR A 3 10.67 0.22 2.57
CA THR A 3 10.51 -0.04 4.00
C THR A 3 9.67 1.00 4.73
N THR A 4 9.32 2.12 4.08
N THR A 4 9.33 2.13 4.09
CA THR A 4 8.58 3.21 4.72
CA THR A 4 8.59 3.19 4.73
C THR A 4 7.21 3.28 4.10
C THR A 4 7.21 3.26 4.11
N PHE A 5 6.22 3.42 4.97
CA PHE A 5 4.82 3.44 4.58
C PHE A 5 4.16 4.61 5.27
N VAL A 6 3.05 5.05 4.67
CA VAL A 6 2.21 6.05 5.33
C VAL A 6 0.87 5.46 5.64
N ALA A 7 0.37 5.79 6.82
CA ALA A 7 -0.95 5.37 7.21
C ALA A 7 -1.97 6.12 6.39
N LEU A 8 -2.91 5.39 5.79
CA LEU A 8 -3.99 5.97 4.98
C LEU A 8 -5.24 6.27 5.79
N TYR A 9 -5.40 5.66 6.96
CA TYR A 9 -6.56 5.78 7.83
C TYR A 9 -6.08 5.74 9.25
N ASP A 10 -6.87 6.27 10.16
CA ASP A 10 -6.67 5.98 11.58
C ASP A 10 -6.98 4.49 11.85
N TYR A 11 -6.25 3.90 12.79
CA TYR A 11 -6.50 2.52 13.15
C TYR A 11 -6.31 2.39 14.65
N VAL A 12 -7.32 1.83 15.32
CA VAL A 12 -7.27 1.48 16.74
C VAL A 12 -7.01 -0.02 16.82
N ALA A 13 -5.86 -0.36 17.39
CA ALA A 13 -5.52 -1.74 17.56
C ALA A 13 -6.40 -2.40 18.61
N SER A 14 -6.64 -3.69 18.39
CA SER A 14 -7.46 -4.45 19.31
C SER A 14 -6.65 -5.22 20.33
N GLY A 15 -5.41 -5.57 19.98
CA GLY A 15 -4.61 -6.45 20.80
C GLY A 15 -3.27 -5.81 21.12
N GLU A 16 -2.57 -6.42 22.11
CA GLU A 16 -1.33 -5.83 22.60
C GLU A 16 -0.21 -5.97 21.59
N THR A 17 -0.35 -6.86 20.59
CA THR A 17 0.72 -7.00 19.61
C THR A 17 0.67 -5.91 18.54
N ASP A 18 -0.45 -5.20 18.41
CA ASP A 18 -0.70 -4.36 17.25
C ASP A 18 -0.55 -2.89 17.56
N LEU A 19 -0.13 -2.13 16.58
CA LEU A 19 0.13 -0.70 16.70
C LEU A 19 -1.12 0.06 16.32
N SER A 20 -1.52 0.98 17.19
CA SER A 20 -2.50 2.00 16.82
C SER A 20 -1.79 3.17 16.16
N PHE A 21 -2.43 3.76 15.14
CA PHE A 21 -1.76 4.82 14.41
C PHE A 21 -2.82 5.70 13.78
N LYS A 22 -2.42 6.90 13.40
CA LYS A 22 -3.38 7.82 12.80
C LYS A 22 -3.02 8.16 11.37
N LYS A 23 -4.05 8.47 10.60
CA LYS A 23 -3.87 8.85 9.20
C LYS A 23 -2.71 9.86 9.07
N GLY A 24 -1.78 9.54 8.16
CA GLY A 24 -0.65 10.36 7.86
C GLY A 24 0.61 9.96 8.56
N GLU A 25 0.51 9.09 9.55
CA GLU A 25 1.71 8.70 10.30
C GLU A 25 2.66 7.95 9.36
N ARG A 26 3.96 8.21 9.51
CA ARG A 26 4.95 7.48 8.75
C ARG A 26 5.48 6.33 9.58
N LEU A 27 5.47 5.18 8.95
CA LEU A 27 5.71 3.89 9.60
C LEU A 27 6.84 3.19 8.86
N GLN A 28 7.79 2.64 9.61
CA GLN A 28 8.85 1.87 8.99
C GLN A 28 8.72 0.41 9.39
N ILE A 29 8.83 -0.49 8.40
CA ILE A 29 8.67 -1.92 8.66
C ILE A 29 9.95 -2.42 9.30
N VAL A 30 9.81 -3.29 10.29
CA VAL A 30 10.93 -3.81 11.09
C VAL A 30 11.07 -5.27 10.77
N GLY A 31 12.28 -5.63 10.37
CA GLY A 31 12.69 -6.99 10.16
C GLY A 31 11.99 -7.76 9.08
N TYR A 32 12.09 -9.10 9.16
CA TYR A 32 11.45 -9.97 8.19
C TYR A 32 9.94 -9.97 8.39
N ASN A 33 9.21 -9.72 7.27
CA ASN A 33 7.76 -9.71 7.35
C ASN A 33 7.19 -10.50 6.16
N HIS A 34 5.99 -11.03 6.36
CA HIS A 34 5.33 -11.87 5.37
C HIS A 34 3.86 -11.69 5.67
N GLY A 35 2.99 -12.31 4.90
CA GLY A 35 1.60 -12.27 5.22
C GLY A 35 1.07 -10.87 5.13
N ASP A 36 0.01 -10.65 5.89
CA ASP A 36 -0.77 -9.44 5.77
C ASP A 36 -0.51 -8.42 6.85
N TRP A 37 -0.01 -8.83 8.00
CA TRP A 37 0.29 -7.95 9.12
C TRP A 37 1.79 -7.91 9.32
N TRP A 38 2.36 -6.73 9.46
CA TRP A 38 3.81 -6.51 9.48
C TRP A 38 4.22 -5.75 10.72
N LEU A 39 5.38 -6.11 11.31
CA LEU A 39 5.87 -5.35 12.45
C LEU A 39 6.38 -4.01 11.97
N ALA A 40 5.87 -2.94 12.61
CA ALA A 40 6.27 -1.60 12.23
C ALA A 40 6.64 -0.74 13.44
N HIS A 41 7.37 0.33 13.14
CA HIS A 41 7.75 1.37 14.09
C HIS A 41 7.26 2.71 13.56
N SER A 42 6.50 3.42 14.38
CA SER A 42 6.03 4.74 13.97
C SER A 42 7.16 5.73 14.09
N LEU A 43 7.55 6.35 12.99
CA LEU A 43 8.51 7.44 13.00
C LEU A 43 7.91 8.70 13.61
N THR A 44 6.59 8.78 13.73
CA THR A 44 5.87 9.92 14.28
C THR A 44 5.79 9.83 15.78
N THR A 45 5.38 8.66 16.33
CA THR A 45 5.12 8.56 17.75
C THR A 45 6.15 7.76 18.50
N GLY A 46 6.95 6.97 17.80
CA GLY A 46 7.93 6.09 18.41
C GLY A 46 7.44 4.71 18.80
N GLN A 47 6.16 4.46 18.72
CA GLN A 47 5.57 3.20 19.11
C GLN A 47 5.86 2.09 18.09
N THR A 48 5.68 0.85 18.53
CA THR A 48 5.91 -0.30 17.67
C THR A 48 4.79 -1.32 17.86
N GLY A 49 4.59 -2.10 16.81
CA GLY A 49 3.60 -3.16 16.84
C GLY A 49 3.28 -3.56 15.43
N TYR A 50 2.47 -4.61 15.31
CA TYR A 50 2.00 -5.05 14.01
C TYR A 50 0.96 -4.12 13.41
N ILE A 51 1.03 -3.96 12.11
CA ILE A 51 0.10 -3.10 11.36
C ILE A 51 -0.61 -3.93 10.30
N PRO A 52 -1.84 -3.58 9.95
CA PRO A 52 -2.51 -4.24 8.84
C PRO A 52 -2.15 -3.58 7.53
N SER A 53 -1.61 -4.37 6.61
CA SER A 53 -1.06 -3.82 5.36
C SER A 53 -2.07 -3.08 4.51
N ASN A 54 -3.34 -3.38 4.64
CA ASN A 54 -4.32 -2.67 3.80
C ASN A 54 -4.56 -1.23 4.24
N TYR A 55 -4.09 -0.85 5.40
CA TYR A 55 -4.20 0.51 5.94
C TYR A 55 -3.08 1.42 5.58
N VAL A 56 -2.06 0.99 4.84
CA VAL A 56 -0.88 1.78 4.55
C VAL A 56 -0.49 1.69 3.08
N ALA A 57 0.28 2.70 2.63
CA ALA A 57 0.82 2.68 1.29
C ALA A 57 2.29 3.03 1.31
N PRO A 58 3.07 2.54 0.36
CA PRO A 58 4.49 2.94 0.33
C PRO A 58 4.69 4.44 0.31
N SER A 59 5.70 4.90 1.00
CA SER A 59 6.00 6.30 1.12
C SER A 59 7.50 6.53 1.05
N ASP A 60 7.85 7.78 0.83
CA ASP A 60 9.19 8.26 1.04
C ASP A 60 9.44 8.42 2.53
N VAL B 1 4.33 -16.55 13.45
CA VAL B 1 3.80 -16.83 12.06
C VAL B 1 2.28 -16.56 11.96
N SER B 2 1.55 -16.96 13.00
CA SER B 2 0.15 -16.65 12.99
C SER B 2 -0.03 -15.16 13.05
N LEU B 3 0.85 -14.38 13.75
CA LEU B 3 0.60 -12.93 13.88
C LEU B 3 0.62 -12.25 12.52
N ALA B 4 1.50 -12.67 11.64
CA ALA B 4 1.51 -12.12 10.28
C ALA B 4 0.28 -12.53 9.46
N ARG B 5 -0.25 -13.70 9.68
CA ARG B 5 -1.21 -14.32 8.78
C ARG B 5 -2.65 -14.18 9.26
N ARG B 6 -2.92 -13.27 10.17
CA ARG B 6 -4.26 -13.09 10.67
C ARG B 6 -5.13 -12.35 9.64
N PRO B 7 -6.45 -12.50 9.73
CA PRO B 7 -7.31 -11.72 8.85
C PRO B 7 -7.09 -10.23 9.05
N LEU B 8 -7.26 -9.50 7.98
CA LEU B 8 -7.15 -8.05 8.02
C LEU B 8 -8.45 -7.40 8.48
N PRO B 9 -8.35 -6.20 9.03
CA PRO B 9 -9.55 -5.44 9.34
C PRO B 9 -10.17 -4.91 8.06
N PRO B 10 -11.50 -4.74 8.07
CA PRO B 10 -12.12 -4.03 6.97
C PRO B 10 -11.62 -2.60 6.92
N LEU B 11 -11.64 -2.01 5.72
CA LEU B 11 -11.35 -0.61 5.60
C LEU B 11 -12.42 0.20 6.34
N PRO B 12 -12.08 1.44 6.70
CA PRO B 12 -13.08 2.22 7.43
C PRO B 12 -14.35 2.46 6.61
N VAL C 2 -9.71 -6.75 -20.00
CA VAL C 2 -9.43 -6.85 -18.58
C VAL C 2 -9.40 -5.47 -17.96
N THR C 3 -10.02 -5.35 -16.82
CA THR C 3 -9.97 -4.11 -16.08
C THR C 3 -9.43 -4.24 -14.66
N THR C 4 -9.09 -5.47 -14.18
CA THR C 4 -8.51 -5.74 -12.86
C THR C 4 -7.07 -6.28 -12.93
N PHE C 5 -6.22 -5.64 -12.18
CA PHE C 5 -4.78 -5.86 -12.27
C PHE C 5 -4.20 -6.11 -10.87
N VAL C 6 -3.02 -6.72 -10.82
CA VAL C 6 -2.35 -6.88 -9.56
C VAL C 6 -1.00 -6.20 -9.65
N ALA C 7 -0.64 -5.53 -8.57
CA ALA C 7 0.62 -4.81 -8.48
C ALA C 7 1.76 -5.83 -8.34
N LEU C 8 2.74 -5.70 -9.21
CA LEU C 8 3.91 -6.61 -9.19
C LEU C 8 5.03 -6.07 -8.31
N TYR C 9 5.06 -4.78 -8.08
CA TYR C 9 6.12 -4.13 -7.32
C TYR C 9 5.55 -3.00 -6.47
N ASP C 10 6.28 -2.59 -5.44
CA ASP C 10 5.90 -1.38 -4.71
C ASP C 10 6.18 -0.15 -5.56
N TYR C 11 5.31 0.85 -5.43
CA TYR C 11 5.47 2.09 -6.18
C TYR C 11 5.11 3.27 -5.29
N VAL C 12 6.01 4.22 -5.14
CA VAL C 12 5.74 5.45 -4.39
C VAL C 12 5.37 6.57 -5.39
N ALA C 13 4.23 7.21 -5.20
CA ALA C 13 3.89 8.30 -6.11
C ALA C 13 4.92 9.43 -6.11
N SER C 14 5.13 10.05 -7.26
CA SER C 14 6.10 11.13 -7.38
C SER C 14 5.46 12.49 -7.56
N GLY C 15 4.19 12.52 -7.77
CA GLY C 15 3.52 13.76 -8.06
C GLY C 15 2.22 13.87 -7.28
N GLU C 16 1.30 14.68 -7.81
CA GLU C 16 0.05 14.98 -7.12
C GLU C 16 -1.11 14.11 -7.59
N THR C 17 -0.98 13.42 -8.72
CA THR C 17 -2.11 12.67 -9.24
C THR C 17 -1.85 11.18 -9.27
N ASP C 18 -0.70 10.75 -8.75
CA ASP C 18 -0.28 9.35 -8.83
C ASP C 18 -0.72 8.60 -7.58
N LEU C 19 -0.94 7.29 -7.72
CA LEU C 19 -1.29 6.41 -6.62
C LEU C 19 -0.03 5.69 -6.13
N SER C 20 0.22 5.76 -4.83
CA SER C 20 1.19 4.87 -4.19
C SER C 20 0.50 3.54 -3.86
N PHE C 21 1.18 2.44 -4.19
CA PHE C 21 0.59 1.11 -3.99
C PHE C 21 1.72 0.10 -3.75
N LYS C 22 1.39 -0.97 -3.08
CA LYS C 22 2.37 -1.98 -2.72
C LYS C 22 2.12 -3.24 -3.53
N LYS C 23 3.20 -4.00 -3.69
CA LYS C 23 3.08 -5.30 -4.32
C LYS C 23 1.86 -6.08 -3.76
N GLY C 24 1.06 -6.66 -4.67
CA GLY C 24 -0.08 -7.51 -4.31
C GLY C 24 -1.41 -6.79 -4.25
N GLU C 25 -1.43 -5.47 -4.26
CA GLU C 25 -2.73 -4.78 -4.26
C GLU C 25 -3.46 -5.15 -5.53
N ARG C 26 -4.78 -5.20 -5.42
CA ARG C 26 -5.65 -5.40 -6.56
C ARG C 26 -6.18 -4.04 -6.98
N LEU C 27 -6.02 -3.75 -8.26
CA LEU C 27 -6.30 -2.42 -8.80
C LEU C 27 -7.28 -2.51 -9.95
N GLN C 28 -8.27 -1.64 -9.97
CA GLN C 28 -9.19 -1.60 -11.07
C GLN C 28 -9.06 -0.29 -11.83
N ILE C 29 -9.03 -0.37 -13.16
CA ILE C 29 -8.90 0.83 -13.97
C ILE C 29 -10.24 1.55 -13.99
N VAL C 30 -10.17 2.88 -13.90
CA VAL C 30 -11.37 3.72 -13.89
C VAL C 30 -11.18 4.90 -14.83
N GLY C 31 -12.27 5.55 -15.12
CA GLY C 31 -12.22 6.67 -16.03
C GLY C 31 -11.90 6.20 -17.45
N TYR C 32 -11.40 7.14 -18.26
CA TYR C 32 -10.95 6.83 -19.61
C TYR C 32 -9.43 6.91 -19.63
N ASN C 33 -8.78 6.01 -20.35
CA ASN C 33 -7.34 5.92 -20.27
C ASN C 33 -6.75 5.60 -21.64
N HIS C 34 -5.50 6.01 -21.80
CA HIS C 34 -4.71 5.65 -22.94
C HIS C 34 -3.25 5.63 -22.52
N GLY C 35 -2.36 5.49 -23.47
CA GLY C 35 -0.96 5.59 -23.14
C GLY C 35 -0.57 4.57 -22.13
N ASP C 36 0.38 4.96 -21.28
CA ASP C 36 1.03 4.05 -20.38
C ASP C 36 0.65 4.23 -18.91
N TRP C 37 0.06 5.34 -18.51
CA TRP C 37 -0.31 5.61 -17.12
C TRP C 37 -1.82 5.67 -17.04
N TRP C 38 -2.40 4.88 -16.13
CA TRP C 38 -3.85 4.64 -16.06
C TRP C 38 -4.40 5.02 -14.72
N LEU C 39 -5.54 5.69 -14.72
CA LEU C 39 -6.24 5.97 -13.47
C LEU C 39 -6.77 4.67 -12.89
N ALA C 40 -6.38 4.39 -11.63
CA ALA C 40 -6.81 3.17 -11.01
C ALA C 40 -7.31 3.39 -9.59
N HIS C 41 -8.11 2.41 -9.14
CA HIS C 41 -8.63 2.39 -7.78
C HIS C 41 -8.13 1.12 -7.12
N SER C 42 -7.49 1.26 -5.96
CA SER C 42 -7.07 0.07 -5.21
C SER C 42 -8.24 -0.51 -4.44
N LEU C 43 -8.66 -1.68 -4.83
CA LEU C 43 -9.62 -2.37 -4.03
C LEU C 43 -9.07 -2.66 -2.64
N THR C 44 -7.75 -2.85 -2.54
CA THR C 44 -7.15 -3.27 -1.29
C THR C 44 -7.11 -2.13 -0.27
N THR C 45 -6.72 -0.92 -0.68
CA THR C 45 -6.53 0.20 0.24
C THR C 45 -7.60 1.27 0.13
N GLY C 46 -8.46 1.20 -0.92
CA GLY C 46 -9.48 2.22 -1.15
C GLY C 46 -8.96 3.52 -1.72
N GLN C 47 -7.71 3.61 -2.12
CA GLN C 47 -7.11 4.82 -2.69
C GLN C 47 -7.20 4.79 -4.21
N THR C 48 -7.11 5.99 -4.81
CA THR C 48 -7.26 6.21 -6.24
C THR C 48 -6.16 7.11 -6.78
N GLY C 49 -5.63 6.77 -7.95
CA GLY C 49 -4.68 7.66 -8.61
C GLY C 49 -4.12 6.97 -9.84
N TYR C 50 -3.26 7.69 -10.57
CA TYR C 50 -2.61 7.09 -11.75
C TYR C 50 -1.51 6.10 -11.37
N ILE C 51 -1.43 5.04 -12.17
CA ILE C 51 -0.44 4.00 -11.98
C ILE C 51 0.35 3.79 -13.23
N PRO C 52 1.60 3.38 -13.11
CA PRO C 52 2.38 3.00 -14.28
C PRO C 52 2.03 1.57 -14.68
N SER C 53 1.64 1.39 -15.94
CA SER C 53 1.18 0.08 -16.39
C SER C 53 2.24 -1.02 -16.36
N ASN C 54 3.53 -0.70 -16.38
CA ASN C 54 4.55 -1.73 -16.34
C ASN C 54 4.74 -2.32 -14.95
N TYR C 55 4.08 -1.76 -13.91
CA TYR C 55 4.13 -2.27 -12.56
C TYR C 55 2.99 -3.20 -12.25
N VAL C 56 2.10 -3.48 -13.20
CA VAL C 56 0.96 -4.34 -12.95
C VAL C 56 0.80 -5.39 -14.02
N ALA C 57 0.07 -6.44 -13.68
CA ALA C 57 -0.33 -7.46 -14.64
C ALA C 57 -1.79 -7.80 -14.45
N PRO C 58 -2.45 -8.25 -15.52
CA PRO C 58 -3.87 -8.63 -15.42
C PRO C 58 -4.04 -9.65 -14.34
N SER C 59 -5.10 -9.55 -13.58
CA SER C 59 -5.31 -10.53 -12.52
C SER C 59 -6.72 -11.09 -12.53
N ASP C 60 -6.86 -12.28 -11.95
CA ASP C 60 -8.18 -12.80 -11.58
C ASP C 60 -8.77 -12.00 -10.41
N ARG D 5 1.79 12.25 -22.33
CA ARG D 5 2.70 11.25 -22.85
C ARG D 5 3.89 11.11 -21.89
N ARG D 6 3.63 10.56 -20.71
CA ARG D 6 4.63 10.55 -19.63
C ARG D 6 5.37 9.20 -19.61
N PRO D 7 6.68 9.19 -19.51
CA PRO D 7 7.39 7.90 -19.54
C PRO D 7 7.09 7.05 -18.31
N LEU D 8 7.32 5.76 -18.46
CA LEU D 8 7.16 4.81 -17.37
C LEU D 8 8.43 4.76 -16.49
N PRO D 9 8.29 4.43 -15.22
CA PRO D 9 9.47 4.31 -14.37
C PRO D 9 10.21 3.03 -14.69
N PRO D 10 11.51 2.98 -14.43
CA PRO D 10 12.19 1.70 -14.56
C PRO D 10 11.60 0.72 -13.57
N LEU D 11 11.69 -0.57 -13.89
CA LEU D 11 11.31 -1.61 -12.95
C LEU D 11 12.29 -1.56 -11.78
N PRO D 12 11.82 -1.86 -10.55
CA PRO D 12 12.68 -1.66 -9.38
C PRO D 12 13.96 -2.50 -9.47
#